data_1S2M
#
_entry.id   1S2M
#
_cell.length_a   48.210
_cell.length_b   80.410
_cell.length_c   54.824
_cell.angle_alpha   90.00
_cell.angle_beta   100.57
_cell.angle_gamma   90.00
#
_symmetry.space_group_name_H-M   'P 1 21 1'
#
loop_
_entity.id
_entity.type
_entity.pdbx_description
1 polymer 'Putative ATP-dependent RNA helicase DHH1'
2 water water
#
_entity_poly.entity_id   1
_entity_poly.type   'polypeptide(L)'
_entity_poly.pdbx_seq_one_letter_code
;GPLGSKDTRPQTDDVLNTKGNTFEDFYLKRELLMGIFEAGFEKPSPIQEEAIPVAITGRDILARAKNGTGKTAAFVIPTL
EKVKPKLNKIQALIMVPTRELALQTSQVVRTLGKHCGISCMVTTGGTNLRDDILRLNETVHILVGTPGRVLDLASRKVAD
LSDCSLFIMDEADKMLSRDFKTIIEQILSFLPPTHQSLLFSATFPLTVKEFMVKHLHKPYEINLMEELTLKGITQYYAFV
EERQKLHCLNTLFSKLQINQAIIFCNSTNRVELLAKKITDLGYSCYYSHARMKQQERNKVFHEFRQGKVRTLVCSDLLTR
GIDIQAVNVVINFDFPKTAETYLHRIGRSGRFGHLGLAINLINWNDRFNLYKIEQELGTEIAAIPATIDKSLYVAENDET
;
_entity_poly.pdbx_strand_id   A
#
# COMPACT_ATOMS: atom_id res chain seq x y z
N ASN A 21 8.12 15.41 5.74
CA ASN A 21 8.74 14.81 4.53
C ASN A 21 9.76 13.68 4.81
N THR A 22 10.00 13.38 6.09
CA THR A 22 11.01 12.39 6.47
C THR A 22 10.52 11.56 7.69
N PHE A 23 11.12 10.39 7.92
CA PHE A 23 10.80 9.58 9.11
C PHE A 23 11.15 10.30 10.42
N GLU A 24 12.09 11.23 10.36
CA GLU A 24 12.41 12.13 11.48
C GLU A 24 11.18 12.85 12.03
N ASP A 25 10.20 13.13 11.17
CA ASP A 25 8.96 13.77 11.59
C ASP A 25 8.19 13.01 12.67
N PHE A 26 8.32 11.70 12.70
CA PHE A 26 7.50 10.85 13.57
C PHE A 26 7.95 10.82 15.03
N TYR A 27 9.01 11.57 15.38
CA TYR A 27 9.44 11.70 16.78
C TYR A 27 9.69 10.32 17.37
N LEU A 28 10.56 9.57 16.72
CA LEU A 28 10.85 8.19 17.13
C LEU A 28 12.15 8.13 17.90
N LYS A 29 12.35 7.03 18.61
CA LYS A 29 13.61 6.76 19.31
C LYS A 29 14.82 7.04 18.43
N ARG A 30 15.83 7.66 19.02
CA ARG A 30 17.06 8.03 18.31
C ARG A 30 17.66 6.79 17.64
N GLU A 31 17.67 5.67 18.34
CA GLU A 31 18.26 4.43 17.85
C GLU A 31 17.49 3.83 16.68
N LEU A 32 16.17 3.97 16.70
CA LEU A 32 15.33 3.50 15.61
C LEU A 32 15.57 4.37 14.37
N LEU A 33 15.62 5.69 14.54
CA LEU A 33 15.87 6.57 13.41
C LEU A 33 17.21 6.27 12.76
N MET A 34 18.21 5.91 13.56
CA MET A 34 19.54 5.52 13.06
C MET A 34 19.42 4.35 12.09
N GLY A 35 18.69 3.31 12.48
CA GLY A 35 18.54 2.13 11.66
C GLY A 35 17.75 2.40 10.40
N ILE A 36 16.74 3.25 10.51
CA ILE A 36 15.93 3.66 9.36
C ILE A 36 16.81 4.38 8.32
N PHE A 37 17.59 5.36 8.75
CA PHE A 37 18.39 6.15 7.81
C PHE A 37 19.58 5.37 7.24
N GLU A 38 20.21 4.54 8.05
CA GLU A 38 21.31 3.67 7.58
C GLU A 38 20.83 2.61 6.60
N ALA A 39 19.54 2.25 6.66
CA ALA A 39 18.95 1.28 5.73
C ALA A 39 18.52 1.91 4.41
N GLY A 40 18.75 3.20 4.25
CA GLY A 40 18.41 3.90 3.02
C GLY A 40 16.95 4.33 2.91
N PHE A 41 16.21 4.22 4.03
CA PHE A 41 14.84 4.73 4.11
C PHE A 41 14.92 6.24 4.38
N GLU A 42 14.06 7.01 3.74
CA GLU A 42 14.03 8.45 3.94
C GLU A 42 12.59 8.96 4.07
N LYS A 43 11.79 8.77 3.02
CA LYS A 43 10.41 9.23 2.99
C LYS A 43 9.47 8.03 3.07
N PRO A 44 8.46 8.11 3.93
CA PRO A 44 7.52 6.99 4.10
C PRO A 44 6.57 6.81 2.92
N SER A 45 6.22 5.56 2.63
CA SER A 45 5.16 5.25 1.68
C SER A 45 3.84 5.76 2.26
N PRO A 46 2.82 5.94 1.42
CA PRO A 46 1.48 6.35 1.90
C PRO A 46 0.95 5.51 3.07
N ILE A 47 1.08 4.20 3.00
CA ILE A 47 0.60 3.30 4.07
C ILE A 47 1.41 3.47 5.35
N GLN A 48 2.72 3.68 5.20
CA GLN A 48 3.59 3.91 6.34
C GLN A 48 3.24 5.24 7.03
N GLU A 49 2.98 6.26 6.23
CA GLU A 49 2.71 7.59 6.74
C GLU A 49 1.37 7.62 7.51
N GLU A 50 0.41 6.83 7.07
CA GLU A 50 -0.90 6.82 7.70
C GLU A 50 -0.94 5.87 8.90
N ALA A 51 -0.35 4.69 8.75
CA ALA A 51 -0.46 3.61 9.74
C ALA A 51 0.45 3.83 10.95
N ILE A 52 1.61 4.44 10.75
CA ILE A 52 2.59 4.60 11.83
C ILE A 52 2.04 5.45 12.98
N PRO A 53 1.57 6.68 12.73
CA PRO A 53 0.98 7.49 13.81
C PRO A 53 -0.19 6.79 14.52
N VAL A 54 -1.07 6.16 13.75
CA VAL A 54 -2.22 5.44 14.29
C VAL A 54 -1.80 4.31 15.23
N ALA A 55 -0.78 3.55 14.86
CA ALA A 55 -0.29 2.48 15.70
C ALA A 55 0.33 3.03 16.99
N ILE A 56 1.03 4.16 16.90
CA ILE A 56 1.63 4.81 18.08
C ILE A 56 0.53 5.26 19.04
N THR A 57 -0.62 5.67 18.51
CA THR A 57 -1.77 6.04 19.33
C THR A 57 -2.25 4.85 20.17
N GLY A 58 -2.07 3.62 19.68
CA GLY A 58 -2.52 2.43 20.36
C GLY A 58 -3.77 1.82 19.73
N ARG A 59 -4.23 2.41 18.62
CA ARG A 59 -5.41 1.92 17.91
C ARG A 59 -5.18 0.55 17.25
N ASP A 60 -6.25 -0.24 17.17
CA ASP A 60 -6.26 -1.39 16.26
C ASP A 60 -6.29 -0.87 14.83
N ILE A 61 -5.72 -1.63 13.90
CA ILE A 61 -5.74 -1.28 12.49
C ILE A 61 -6.19 -2.47 11.64
N LEU A 62 -7.03 -2.18 10.67
CA LEU A 62 -7.39 -3.10 9.62
C LEU A 62 -7.10 -2.36 8.32
N ALA A 63 -6.17 -2.89 7.51
CA ALA A 63 -5.67 -2.16 6.35
C ALA A 63 -5.65 -3.04 5.11
N ARG A 64 -6.30 -2.60 4.04
CA ARG A 64 -6.10 -3.21 2.72
C ARG A 64 -4.76 -2.71 2.22
N ALA A 65 -3.82 -3.61 2.02
CA ALA A 65 -2.51 -3.24 1.50
C ALA A 65 -2.10 -4.15 0.35
N LYS A 66 -1.46 -3.59 -0.66
CA LYS A 66 -0.92 -4.37 -1.77
C LYS A 66 0.61 -4.44 -1.68
N ASN A 67 1.19 -5.36 -2.45
CA ASN A 67 2.65 -5.54 -2.45
C ASN A 67 3.35 -4.35 -3.12
N GLY A 68 4.63 -4.15 -2.78
CA GLY A 68 5.40 -3.07 -3.34
C GLY A 68 4.97 -1.67 -2.90
N THR A 69 4.32 -1.57 -1.74
CA THR A 69 3.95 -0.28 -1.14
C THR A 69 4.51 -0.08 0.28
N GLY A 70 5.47 -0.92 0.65
CA GLY A 70 6.15 -0.83 1.94
C GLY A 70 5.27 -1.10 3.15
N LYS A 71 4.40 -2.11 3.06
CA LYS A 71 3.52 -2.45 4.18
C LYS A 71 4.26 -3.07 5.37
N THR A 72 5.36 -3.78 5.12
CA THR A 72 6.12 -4.39 6.21
C THR A 72 6.64 -3.35 7.21
N ALA A 73 7.32 -2.32 6.74
CA ALA A 73 7.83 -1.29 7.66
C ALA A 73 6.70 -0.48 8.33
N ALA A 74 5.54 -0.41 7.68
CA ALA A 74 4.37 0.23 8.29
C ALA A 74 3.99 -0.38 9.65
N PHE A 75 4.19 -1.68 9.83
CA PHE A 75 3.98 -2.30 11.15
C PHE A 75 5.27 -2.57 11.95
N VAL A 76 6.38 -2.82 11.26
CA VAL A 76 7.65 -3.06 11.94
C VAL A 76 8.14 -1.80 12.69
N ILE A 77 7.96 -0.62 12.10
CA ILE A 77 8.43 0.62 12.73
C ILE A 77 7.72 0.89 14.07
N PRO A 78 6.39 0.84 14.12
CA PRO A 78 5.69 0.96 15.40
C PRO A 78 6.05 -0.15 16.40
N THR A 79 6.29 -1.36 15.91
CA THR A 79 6.68 -2.47 16.77
C THR A 79 8.01 -2.15 17.46
N LEU A 80 8.98 -1.66 16.70
CA LEU A 80 10.30 -1.34 17.24
C LEU A 80 10.22 -0.15 18.20
N GLU A 81 9.31 0.78 17.92
CA GLU A 81 9.10 1.95 18.79
C GLU A 81 8.51 1.53 20.16
N LYS A 82 7.53 0.63 20.15
CA LYS A 82 6.79 0.25 21.36
C LYS A 82 7.56 -0.71 22.28
N VAL A 83 8.19 -1.71 21.67
CA VAL A 83 8.89 -2.76 22.40
C VAL A 83 9.98 -2.18 23.30
N LYS A 84 10.01 -2.66 24.54
CA LYS A 84 10.96 -2.21 25.55
C LYS A 84 12.07 -3.25 25.64
N PRO A 85 13.29 -2.89 25.24
CA PRO A 85 14.41 -3.84 25.29
C PRO A 85 14.68 -4.43 26.68
N LYS A 86 14.35 -3.70 27.75
CA LYS A 86 14.66 -4.13 29.12
C LYS A 86 13.76 -5.24 29.65
N LEU A 87 12.58 -5.41 29.06
CA LEU A 87 11.64 -6.44 29.50
C LEU A 87 11.91 -7.73 28.72
N ASN A 88 12.24 -8.80 29.45
CA ASN A 88 12.65 -10.07 28.86
C ASN A 88 11.45 -10.98 28.58
N LYS A 89 10.59 -10.52 27.68
CA LYS A 89 9.35 -11.22 27.31
C LYS A 89 9.01 -10.92 25.86
N ILE A 90 8.27 -11.82 25.22
CA ILE A 90 7.75 -11.58 23.87
C ILE A 90 6.68 -10.51 23.99
N GLN A 91 6.92 -9.37 23.36
CA GLN A 91 6.03 -8.22 23.40
C GLN A 91 5.23 -8.02 22.11
N ALA A 92 5.69 -8.63 21.02
CA ALA A 92 4.96 -8.58 19.75
C ALA A 92 4.97 -9.93 19.06
N LEU A 93 3.83 -10.28 18.48
CA LEU A 93 3.68 -11.47 17.67
C LEU A 93 3.25 -11.04 16.27
N ILE A 94 4.06 -11.37 15.26
CA ILE A 94 3.72 -11.10 13.87
C ILE A 94 3.43 -12.41 13.14
N MET A 95 2.16 -12.64 12.83
CA MET A 95 1.73 -13.82 12.08
C MET A 95 1.82 -13.62 10.58
N VAL A 96 2.29 -14.66 9.88
CA VAL A 96 2.45 -14.68 8.42
C VAL A 96 2.06 -16.08 7.92
N PRO A 97 1.54 -16.19 6.70
CA PRO A 97 1.19 -17.50 6.15
C PRO A 97 2.36 -18.36 5.68
N THR A 98 3.49 -17.77 5.29
CA THR A 98 4.60 -18.53 4.71
C THR A 98 5.95 -18.23 5.38
N ARG A 99 6.89 -19.15 5.19
CA ARG A 99 8.23 -18.99 5.71
C ARG A 99 8.93 -17.85 4.99
N GLU A 100 8.61 -17.68 3.71
CA GLU A 100 9.22 -16.68 2.85
C GLU A 100 8.88 -15.27 3.36
N LEU A 101 7.61 -15.05 3.72
CA LEU A 101 7.17 -13.79 4.31
C LEU A 101 7.71 -13.61 5.74
N ALA A 102 7.87 -14.70 6.48
CA ALA A 102 8.49 -14.63 7.80
C ALA A 102 9.91 -14.09 7.69
N LEU A 103 10.66 -14.56 6.69
CA LEU A 103 12.06 -14.16 6.49
C LEU A 103 12.16 -12.72 5.98
N GLN A 104 11.24 -12.33 5.11
CA GLN A 104 11.20 -10.95 4.64
C GLN A 104 10.87 -9.99 5.78
N THR A 105 9.99 -10.42 6.68
CA THR A 105 9.60 -9.62 7.84
C THR A 105 10.73 -9.47 8.85
N SER A 106 11.37 -10.59 9.23
CA SER A 106 12.51 -10.55 10.16
C SER A 106 13.68 -9.72 9.61
N GLN A 107 13.87 -9.72 8.30
CA GLN A 107 14.91 -8.91 7.66
C GLN A 107 14.65 -7.42 7.91
N VAL A 108 13.39 -7.00 7.78
CA VAL A 108 13.02 -5.61 8.02
C VAL A 108 13.17 -5.30 9.50
N VAL A 109 12.75 -6.22 10.38
CA VAL A 109 12.90 -6.02 11.82
C VAL A 109 14.38 -5.84 12.20
N ARG A 110 15.25 -6.70 11.69
CA ARG A 110 16.67 -6.69 12.10
C ARG A 110 17.44 -5.55 11.44
N THR A 111 16.97 -5.09 10.29
CA THR A 111 17.62 -3.99 9.58
C THR A 111 17.25 -2.68 10.25
N LEU A 112 15.95 -2.39 10.27
CA LEU A 112 15.44 -1.18 10.89
C LEU A 112 15.77 -1.09 12.37
N GLY A 113 15.81 -2.23 13.05
CA GLY A 113 16.07 -2.30 14.47
C GLY A 113 17.50 -2.67 14.87
N LYS A 114 18.43 -2.48 13.94
CA LYS A 114 19.87 -2.79 14.12
C LYS A 114 20.44 -2.27 15.44
N HIS A 115 20.04 -1.05 15.82
CA HIS A 115 20.58 -0.35 16.99
C HIS A 115 19.62 -0.33 18.20
N CYS A 116 18.50 -1.05 18.11
CA CYS A 116 17.45 -0.93 19.12
C CYS A 116 17.61 -1.87 20.33
N GLY A 117 18.50 -2.83 20.23
CA GLY A 117 18.73 -3.80 21.29
C GLY A 117 17.57 -4.76 21.45
N ILE A 118 16.86 -5.02 20.35
CA ILE A 118 15.69 -5.88 20.36
C ILE A 118 16.02 -7.15 19.55
N SER A 119 15.51 -8.29 20.02
CA SER A 119 15.85 -9.58 19.44
C SER A 119 14.62 -10.15 18.76
N CYS A 120 14.79 -10.68 17.56
CA CYS A 120 13.68 -11.20 16.77
C CYS A 120 13.91 -12.68 16.50
N MET A 121 12.84 -13.47 16.52
CA MET A 121 12.92 -14.88 16.18
C MET A 121 11.85 -15.26 15.18
N VAL A 122 12.24 -16.12 14.24
CA VAL A 122 11.35 -16.69 13.25
C VAL A 122 11.05 -18.13 13.64
N THR A 123 9.79 -18.50 13.50
CA THR A 123 9.37 -19.88 13.74
C THR A 123 8.30 -20.25 12.73
N THR A 124 8.63 -21.20 11.85
CA THR A 124 7.71 -21.64 10.82
C THR A 124 7.72 -23.14 10.65
N GLY A 125 6.84 -23.63 9.78
CA GLY A 125 6.87 -25.01 9.33
C GLY A 125 8.02 -25.22 8.37
N GLY A 126 8.34 -26.48 8.10
CA GLY A 126 9.47 -26.82 7.25
C GLY A 126 10.80 -26.60 7.95
N THR A 127 10.77 -26.53 9.28
CA THR A 127 11.98 -26.40 10.07
C THR A 127 11.94 -27.33 11.27
N ASN A 128 13.09 -27.51 11.90
CA ASN A 128 13.20 -28.40 13.04
C ASN A 128 12.57 -27.74 14.26
N LEU A 129 11.52 -28.39 14.76
CA LEU A 129 10.81 -27.91 15.94
C LEU A 129 11.75 -27.83 17.13
N ARG A 130 12.63 -28.81 17.24
CA ARG A 130 13.62 -28.88 18.32
C ARG A 130 14.42 -27.58 18.45
N ASP A 131 14.90 -27.06 17.32
CA ASP A 131 15.75 -25.86 17.31
C ASP A 131 15.02 -24.58 17.71
N ASP A 132 13.72 -24.53 17.43
CA ASP A 132 12.91 -23.39 17.86
C ASP A 132 12.65 -23.41 19.37
N ILE A 133 12.52 -24.60 19.95
CA ILE A 133 12.29 -24.73 21.38
C ILE A 133 13.52 -24.27 22.16
N LEU A 134 14.71 -24.72 21.77
CA LEU A 134 15.92 -24.27 22.47
C LEU A 134 16.21 -22.78 22.25
N ARG A 135 15.83 -22.23 21.10
CA ARG A 135 16.01 -20.80 20.86
C ARG A 135 15.22 -19.98 21.87
N LEU A 136 14.06 -20.49 22.25
CA LEU A 136 13.18 -19.80 23.19
C LEU A 136 13.72 -19.81 24.63
N ASN A 137 14.75 -20.60 24.90
CA ASN A 137 15.48 -20.50 26.18
C ASN A 137 16.10 -19.12 26.36
N GLU A 138 16.42 -18.45 25.26
CA GLU A 138 16.99 -17.10 25.28
C GLU A 138 15.94 -16.04 24.94
N THR A 139 16.29 -14.79 25.22
CA THR A 139 15.36 -13.68 25.12
C THR A 139 14.84 -13.50 23.69
N VAL A 140 13.51 -13.41 23.56
CA VAL A 140 12.85 -13.03 22.32
C VAL A 140 11.87 -11.91 22.60
N HIS A 141 12.05 -10.78 21.92
CA HIS A 141 11.14 -9.64 22.05
C HIS A 141 10.04 -9.69 20.97
N ILE A 142 10.42 -10.06 19.76
CA ILE A 142 9.48 -10.09 18.64
C ILE A 142 9.48 -11.49 18.04
N LEU A 143 8.33 -12.16 18.10
CA LEU A 143 8.16 -13.46 17.48
C LEU A 143 7.42 -13.34 16.16
N VAL A 144 8.04 -13.83 15.10
CA VAL A 144 7.46 -13.83 13.77
C VAL A 144 7.24 -15.28 13.36
N GLY A 145 6.02 -15.65 12.97
CA GLY A 145 5.78 -17.04 12.62
C GLY A 145 4.48 -17.40 11.93
N THR A 146 4.33 -18.69 11.64
CA THR A 146 3.18 -19.22 10.93
C THR A 146 2.18 -19.83 11.92
N PRO A 147 0.90 -19.93 11.56
CA PRO A 147 -0.15 -20.35 12.49
C PRO A 147 0.12 -21.69 13.20
N GLY A 148 0.32 -22.75 12.43
CA GLY A 148 0.53 -24.07 13.01
C GLY A 148 1.65 -24.07 14.03
N ARG A 149 2.81 -23.57 13.62
CA ARG A 149 4.01 -23.60 14.45
C ARG A 149 3.88 -22.74 15.69
N VAL A 150 3.32 -21.55 15.55
CA VAL A 150 3.18 -20.63 16.67
C VAL A 150 2.23 -21.21 17.71
N LEU A 151 1.12 -21.78 17.25
CA LEU A 151 0.16 -22.41 18.16
C LEU A 151 0.84 -23.57 18.87
N ASP A 152 1.60 -24.36 18.12
CA ASP A 152 2.33 -25.50 18.67
C ASP A 152 3.19 -25.06 19.85
N LEU A 153 4.02 -24.06 19.64
CA LEU A 153 4.93 -23.56 20.67
C LEU A 153 4.20 -22.92 21.85
N ALA A 154 3.08 -22.24 21.58
CA ALA A 154 2.27 -21.63 22.63
C ALA A 154 1.62 -22.70 23.52
N SER A 155 1.12 -23.78 22.90
CA SER A 155 0.39 -24.83 23.63
C SER A 155 1.35 -25.67 24.48
N ARG A 156 2.54 -25.95 23.96
CA ARG A 156 3.60 -26.61 24.73
C ARG A 156 4.12 -25.73 25.89
N LYS A 157 3.73 -24.45 25.88
CA LYS A 157 4.12 -23.45 26.89
C LYS A 157 5.59 -23.00 26.77
N VAL A 158 6.18 -23.25 25.62
CA VAL A 158 7.56 -22.83 25.35
C VAL A 158 7.62 -21.35 24.98
N ALA A 159 6.63 -20.90 24.19
CA ALA A 159 6.47 -19.50 23.85
C ALA A 159 5.47 -18.88 24.81
N ASP A 160 5.95 -18.01 25.69
CA ASP A 160 5.13 -17.36 26.69
C ASP A 160 4.64 -16.01 26.15
N LEU A 161 3.37 -15.98 25.75
CA LEU A 161 2.76 -14.80 25.14
C LEU A 161 1.95 -13.94 26.11
N SER A 162 2.18 -14.13 27.41
CA SER A 162 1.41 -13.43 28.46
C SER A 162 1.60 -11.90 28.48
N ASP A 163 2.74 -11.42 28.00
CA ASP A 163 3.01 -9.97 27.88
C ASP A 163 2.99 -9.48 26.43
N CYS A 164 2.51 -10.32 25.53
CA CYS A 164 2.54 -10.02 24.11
C CYS A 164 1.35 -9.12 23.77
N SER A 165 1.50 -7.82 24.05
CA SER A 165 0.38 -6.89 23.93
C SER A 165 0.23 -6.30 22.52
N LEU A 166 1.12 -6.67 21.59
CA LEU A 166 1.01 -6.25 20.19
C LEU A 166 0.89 -7.48 19.30
N PHE A 167 -0.18 -7.55 18.52
CA PHE A 167 -0.49 -8.69 17.67
C PHE A 167 -0.66 -8.17 16.24
N ILE A 168 0.07 -8.78 15.31
CA ILE A 168 0.07 -8.33 13.92
C ILE A 168 -0.19 -9.49 12.99
N MET A 169 -1.05 -9.28 12.02
CA MET A 169 -1.25 -10.24 10.92
C MET A 169 -0.91 -9.58 9.59
N ASP A 170 -0.01 -10.21 8.87
CA ASP A 170 0.39 -9.80 7.54
C ASP A 170 -0.18 -10.85 6.57
N GLU A 171 -0.92 -10.41 5.56
CA GLU A 171 -1.72 -11.30 4.70
C GLU A 171 -2.78 -12.10 5.49
N ALA A 172 -3.63 -11.36 6.19
CA ALA A 172 -4.59 -11.94 7.12
C ALA A 172 -5.58 -12.88 6.43
N ASP A 173 -5.96 -12.56 5.19
CA ASP A 173 -6.90 -13.39 4.43
C ASP A 173 -6.42 -14.83 4.24
N LYS A 174 -5.12 -14.98 3.96
CA LYS A 174 -4.52 -16.30 3.79
C LYS A 174 -4.54 -17.12 5.09
N MET A 175 -4.47 -16.44 6.24
CA MET A 175 -4.49 -17.13 7.53
C MET A 175 -5.87 -17.16 8.19
N LEU A 176 -6.88 -16.63 7.51
CA LEU A 176 -8.24 -16.59 8.04
C LEU A 176 -9.24 -17.33 7.15
N SER A 177 -8.73 -18.12 6.20
CA SER A 177 -9.56 -19.11 5.52
C SER A 177 -10.01 -20.13 6.54
N ARG A 178 -10.96 -20.98 6.17
CA ARG A 178 -11.56 -21.93 7.12
C ARG A 178 -10.56 -22.89 7.76
N ASP A 179 -9.55 -23.32 7.01
CA ASP A 179 -8.56 -24.25 7.56
C ASP A 179 -7.41 -23.59 8.36
N PHE A 180 -7.48 -22.28 8.58
CA PHE A 180 -6.52 -21.57 9.43
C PHE A 180 -7.15 -20.68 10.49
N LYS A 181 -8.40 -20.25 10.28
CA LYS A 181 -9.03 -19.23 11.12
C LYS A 181 -9.15 -19.66 12.58
N THR A 182 -9.48 -20.93 12.80
CA THR A 182 -9.60 -21.49 14.15
C THR A 182 -8.24 -21.54 14.87
N ILE A 183 -7.17 -21.78 14.10
CA ILE A 183 -5.81 -21.75 14.67
C ILE A 183 -5.48 -20.35 15.18
N ILE A 184 -5.81 -19.32 14.40
CA ILE A 184 -5.53 -17.95 14.82
C ILE A 184 -6.30 -17.62 16.11
N GLU A 185 -7.57 -18.00 16.17
CA GLU A 185 -8.38 -17.76 17.36
C GLU A 185 -7.80 -18.45 18.58
N GLN A 186 -7.26 -19.66 18.39
CA GLN A 186 -6.63 -20.40 19.50
C GLN A 186 -5.34 -19.72 19.97
N ILE A 187 -4.61 -19.10 19.04
CA ILE A 187 -3.42 -18.33 19.40
C ILE A 187 -3.79 -17.10 20.22
N LEU A 188 -4.88 -16.43 19.86
CA LEU A 188 -5.32 -15.22 20.55
C LEU A 188 -5.66 -15.49 22.02
N SER A 189 -6.07 -16.72 22.33
CA SER A 189 -6.37 -17.12 23.71
C SER A 189 -5.17 -17.02 24.64
N PHE A 190 -3.96 -17.13 24.09
CA PHE A 190 -2.73 -17.04 24.87
C PHE A 190 -2.24 -15.62 25.08
N LEU A 191 -2.73 -14.67 24.29
CA LEU A 191 -2.36 -13.26 24.45
C LEU A 191 -3.12 -12.66 25.64
N PRO A 192 -2.60 -11.57 26.21
CA PRO A 192 -3.35 -10.82 27.22
C PRO A 192 -4.68 -10.34 26.64
N PRO A 193 -5.80 -10.48 27.36
CA PRO A 193 -7.10 -10.05 26.86
C PRO A 193 -7.10 -8.67 26.21
N THR A 194 -6.40 -7.73 26.82
CA THR A 194 -6.19 -6.41 26.26
C THR A 194 -4.92 -6.44 25.42
N HIS A 195 -5.09 -6.37 24.10
CA HIS A 195 -3.97 -6.21 23.17
C HIS A 195 -4.36 -5.34 21.98
N GLN A 196 -3.34 -4.78 21.34
CA GLN A 196 -3.47 -4.07 20.08
C GLN A 196 -3.28 -5.03 18.92
N SER A 197 -4.14 -4.93 17.92
CA SER A 197 -4.09 -5.78 16.76
C SER A 197 -3.95 -4.93 15.52
N LEU A 198 -2.90 -5.16 14.74
CA LEU A 198 -2.71 -4.51 13.44
C LEU A 198 -2.78 -5.58 12.35
N LEU A 199 -3.85 -5.53 11.55
CA LEU A 199 -4.08 -6.52 10.50
C LEU A 199 -3.99 -5.89 9.12
N PHE A 200 -3.23 -6.57 8.25
CA PHE A 200 -3.01 -6.15 6.88
C PHE A 200 -3.40 -7.32 5.96
N SER A 201 -4.22 -7.04 4.95
CA SER A 201 -4.75 -8.07 4.04
C SER A 201 -5.03 -7.46 2.67
N ALA A 202 -4.84 -8.25 1.61
CA ALA A 202 -5.14 -7.77 0.25
C ALA A 202 -6.62 -7.90 -0.06
N THR A 203 -7.27 -8.91 0.53
CA THR A 203 -8.69 -9.16 0.30
C THR A 203 -9.48 -9.31 1.60
N PHE A 204 -10.80 -9.18 1.49
CA PHE A 204 -11.66 -9.13 2.67
C PHE A 204 -12.94 -9.93 2.48
N PRO A 205 -12.79 -11.24 2.25
CA PRO A 205 -13.95 -12.13 2.14
C PRO A 205 -14.67 -12.31 3.48
N LEU A 206 -15.77 -13.04 3.46
CA LEU A 206 -16.66 -13.20 4.62
C LEU A 206 -15.89 -13.56 5.90
N THR A 207 -15.04 -14.57 5.83
CA THR A 207 -14.32 -15.07 7.00
C THR A 207 -13.40 -14.03 7.62
N VAL A 208 -12.82 -13.20 6.78
CA VAL A 208 -11.97 -12.10 7.22
C VAL A 208 -12.80 -11.04 7.93
N LYS A 209 -13.88 -10.60 7.29
CA LYS A 209 -14.77 -9.60 7.87
C LYS A 209 -15.33 -10.04 9.23
N GLU A 210 -15.73 -11.30 9.35
CA GLU A 210 -16.27 -11.86 10.59
C GLU A 210 -15.23 -11.80 11.72
N PHE A 211 -14.00 -12.21 11.42
CA PHE A 211 -12.91 -12.17 12.37
C PHE A 211 -12.67 -10.75 12.86
N MET A 212 -12.66 -9.79 11.94
CA MET A 212 -12.40 -8.39 12.27
C MET A 212 -13.43 -7.83 13.23
N VAL A 213 -14.70 -8.14 12.98
CA VAL A 213 -15.75 -7.64 13.85
C VAL A 213 -15.61 -8.23 15.26
N LYS A 214 -15.24 -9.51 15.33
CA LYS A 214 -15.15 -10.23 16.60
C LYS A 214 -13.92 -9.87 17.45
N HIS A 215 -12.80 -9.56 16.79
CA HIS A 215 -11.49 -9.56 17.45
C HIS A 215 -10.71 -8.22 17.42
N LEU A 216 -11.25 -7.21 16.73
CA LEU A 216 -10.70 -5.86 16.75
C LEU A 216 -11.61 -4.92 17.52
N HIS A 217 -11.01 -3.92 18.17
CA HIS A 217 -11.78 -2.92 18.93
C HIS A 217 -11.73 -1.59 18.19
N LYS A 218 -12.87 -1.15 17.69
CA LYS A 218 -13.00 0.12 16.96
C LYS A 218 -11.76 0.39 16.11
N PRO A 219 -11.48 -0.45 15.12
CA PRO A 219 -10.25 -0.31 14.36
C PRO A 219 -10.25 0.92 13.47
N TYR A 220 -9.08 1.52 13.33
CA TYR A 220 -8.81 2.50 12.28
C TYR A 220 -8.69 1.70 10.98
N GLU A 221 -9.50 2.05 9.98
CA GLU A 221 -9.54 1.33 8.72
C GLU A 221 -8.82 2.09 7.61
N ILE A 222 -7.94 1.41 6.89
CA ILE A 222 -7.21 1.99 5.77
C ILE A 222 -7.62 1.29 4.47
N ASN A 223 -8.15 2.07 3.52
CA ASN A 223 -8.45 1.59 2.16
C ASN A 223 -9.46 0.44 2.06
N LEU A 224 -10.41 0.33 2.99
CA LEU A 224 -11.33 -0.82 3.02
C LEU A 224 -12.58 -0.72 2.13
N MET A 225 -12.73 0.38 1.38
CA MET A 225 -13.92 0.65 0.55
C MET A 225 -14.51 -0.56 -0.21
N GLU A 226 -13.67 -1.25 -0.97
CA GLU A 226 -14.01 -2.46 -1.76
C GLU A 226 -14.23 -2.23 -3.26
N GLU A 227 -14.84 -1.09 -3.61
CA GLU A 227 -15.04 -0.71 -5.01
C GLU A 227 -14.88 0.81 -5.12
N LEU A 228 -13.85 1.28 -5.84
CA LEU A 228 -13.63 2.72 -6.01
C LEU A 228 -14.76 3.34 -6.84
N THR A 229 -14.96 4.65 -6.72
CA THR A 229 -16.01 5.34 -7.47
C THR A 229 -15.48 6.20 -8.63
N LEU A 230 -16.24 6.26 -9.72
CA LEU A 230 -15.95 7.14 -10.85
C LEU A 230 -16.81 8.40 -10.84
N LYS A 231 -17.56 8.62 -9.76
CA LYS A 231 -18.46 9.76 -9.63
C LYS A 231 -17.67 11.06 -9.72
N GLY A 232 -18.18 12.03 -10.50
CA GLY A 232 -17.50 13.31 -10.68
C GLY A 232 -16.36 13.32 -11.68
N ILE A 233 -15.98 12.15 -12.20
CA ILE A 233 -14.94 12.06 -13.23
C ILE A 233 -15.58 11.99 -14.61
N THR A 234 -15.45 13.06 -15.39
CA THR A 234 -15.87 13.04 -16.78
C THR A 234 -14.84 12.31 -17.63
N GLN A 235 -15.27 11.29 -18.35
CA GLN A 235 -14.36 10.41 -19.05
C GLN A 235 -14.53 10.53 -20.56
N TYR A 236 -13.42 10.72 -21.24
CA TYR A 236 -13.42 10.81 -22.69
C TYR A 236 -12.40 9.85 -23.28
N TYR A 237 -12.51 9.63 -24.58
CA TYR A 237 -11.49 8.92 -25.34
C TYR A 237 -11.13 9.69 -26.60
N ALA A 238 -9.84 9.68 -26.93
CA ALA A 238 -9.32 10.21 -28.17
C ALA A 238 -8.83 9.04 -28.99
N PHE A 239 -9.44 8.78 -30.14
CA PHE A 239 -8.92 7.75 -31.03
C PHE A 239 -7.60 8.21 -31.64
N VAL A 240 -6.60 7.36 -31.55
CA VAL A 240 -5.25 7.66 -32.01
C VAL A 240 -4.58 6.39 -32.52
N GLU A 241 -3.56 6.56 -33.35
CA GLU A 241 -2.63 5.47 -33.57
C GLU A 241 -1.42 5.72 -32.68
N GLU A 242 -0.61 4.70 -32.51
CA GLU A 242 0.52 4.72 -31.58
C GLU A 242 1.42 5.95 -31.79
N ARG A 243 1.70 6.27 -33.05
CA ARG A 243 2.58 7.40 -33.39
C ARG A 243 1.98 8.75 -33.05
N GLN A 244 0.65 8.83 -32.96
CA GLN A 244 -0.02 10.08 -32.58
C GLN A 244 -0.07 10.35 -31.09
N LYS A 245 0.12 9.32 -30.25
CA LYS A 245 -0.13 9.44 -28.80
C LYS A 245 0.59 10.62 -28.15
N LEU A 246 1.90 10.77 -28.41
CA LEU A 246 2.68 11.85 -27.82
C LEU A 246 2.13 13.22 -28.22
N HIS A 247 1.79 13.37 -29.49
CA HIS A 247 1.31 14.65 -30.02
C HIS A 247 -0.11 14.96 -29.60
N CYS A 248 -0.95 13.93 -29.49
CA CYS A 248 -2.27 14.11 -28.89
C CYS A 248 -2.11 14.65 -27.46
N LEU A 249 -1.26 13.99 -26.69
CA LEU A 249 -1.00 14.39 -25.30
C LEU A 249 -0.49 15.82 -25.23
N ASN A 250 0.45 16.15 -26.10
CA ASN A 250 1.05 17.48 -26.16
C ASN A 250 -0.01 18.55 -26.42
N THR A 251 -0.88 18.26 -27.39
CA THR A 251 -2.00 19.14 -27.73
C THR A 251 -2.93 19.37 -26.55
N LEU A 252 -3.32 18.27 -25.89
CA LEU A 252 -4.21 18.36 -24.74
C LEU A 252 -3.59 19.21 -23.66
N PHE A 253 -2.32 18.97 -23.34
CA PHE A 253 -1.62 19.69 -22.27
C PHE A 253 -1.47 21.18 -22.57
N SER A 254 -1.42 21.55 -23.85
CA SER A 254 -1.35 22.96 -24.22
C SER A 254 -2.70 23.68 -24.05
N LYS A 255 -3.80 22.93 -24.05
CA LYS A 255 -5.16 23.46 -24.01
C LYS A 255 -5.87 23.34 -22.66
N LEU A 256 -5.62 22.23 -21.94
CA LEU A 256 -6.30 21.96 -20.68
C LEU A 256 -5.73 22.80 -19.54
N GLN A 257 -6.59 23.21 -18.62
CA GLN A 257 -6.16 23.98 -17.47
C GLN A 257 -5.79 23.03 -16.35
N ILE A 258 -4.57 22.50 -16.44
CA ILE A 258 -4.10 21.46 -15.53
C ILE A 258 -3.55 22.10 -14.25
N ASN A 259 -3.97 21.58 -13.10
CA ASN A 259 -3.33 21.86 -11.84
C ASN A 259 -2.17 20.86 -11.78
N GLN A 260 -2.47 19.63 -11.36
CA GLN A 260 -1.55 18.51 -11.56
C GLN A 260 -2.21 17.41 -12.38
N ALA A 261 -1.38 16.62 -13.05
CA ALA A 261 -1.85 15.53 -13.90
C ALA A 261 -1.08 14.24 -13.62
N ILE A 262 -1.75 13.11 -13.82
CA ILE A 262 -1.10 11.81 -13.79
C ILE A 262 -1.35 11.10 -15.11
N ILE A 263 -0.30 10.50 -15.67
CA ILE A 263 -0.37 9.79 -16.93
C ILE A 263 0.04 8.34 -16.67
N PHE A 264 -0.84 7.40 -17.06
CA PHE A 264 -0.56 5.98 -16.95
C PHE A 264 -0.10 5.37 -18.28
N CYS A 265 0.98 4.59 -18.21
CA CYS A 265 1.37 3.73 -19.32
C CYS A 265 1.29 2.27 -18.88
N ASN A 266 1.31 1.36 -19.85
CA ASN A 266 1.10 -0.06 -19.59
C ASN A 266 2.38 -0.85 -19.35
N SER A 267 3.54 -0.20 -19.43
CA SER A 267 4.79 -0.86 -19.05
C SER A 267 5.77 0.13 -18.44
N THR A 268 6.71 -0.38 -17.66
CA THR A 268 7.68 0.47 -16.98
C THR A 268 8.62 1.17 -17.96
N ASN A 269 8.95 0.50 -19.06
CA ASN A 269 9.81 1.11 -20.08
C ASN A 269 9.10 2.25 -20.80
N ARG A 270 7.79 2.09 -21.04
CA ARG A 270 7.02 3.14 -21.71
C ARG A 270 6.89 4.35 -20.78
N VAL A 271 6.80 4.08 -19.47
CA VAL A 271 6.81 5.13 -18.46
C VAL A 271 8.07 5.97 -18.63
N GLU A 272 9.22 5.31 -18.70
CA GLU A 272 10.49 6.04 -18.77
C GLU A 272 10.66 6.80 -20.09
N LEU A 273 10.30 6.14 -21.19
CA LEU A 273 10.43 6.76 -22.50
C LEU A 273 9.52 7.99 -22.60
N LEU A 274 8.28 7.90 -22.13
CA LEU A 274 7.35 9.01 -22.22
C LEU A 274 7.81 10.16 -21.35
N ALA A 275 8.23 9.86 -20.13
CA ALA A 275 8.77 10.85 -19.21
C ALA A 275 9.92 11.65 -19.82
N LYS A 276 10.84 10.96 -20.50
CA LYS A 276 11.96 11.59 -21.20
C LYS A 276 11.47 12.52 -22.31
N LYS A 277 10.50 12.07 -23.10
CA LYS A 277 9.99 12.85 -24.22
C LYS A 277 9.31 14.14 -23.76
N ILE A 278 8.46 14.06 -22.72
CA ILE A 278 7.77 15.25 -22.26
C ILE A 278 8.70 16.17 -21.49
N THR A 279 9.66 15.59 -20.78
CA THR A 279 10.72 16.38 -20.14
C THR A 279 11.45 17.24 -21.20
N ASP A 280 11.83 16.59 -22.30
CA ASP A 280 12.51 17.26 -23.41
C ASP A 280 11.67 18.37 -24.04
N LEU A 281 10.35 18.18 -24.09
CA LEU A 281 9.44 19.20 -24.61
C LEU A 281 9.37 20.40 -23.66
N GLY A 282 9.69 20.16 -22.38
CA GLY A 282 9.77 21.20 -21.37
C GLY A 282 8.76 21.06 -20.25
N TYR A 283 8.03 19.95 -20.21
CA TYR A 283 7.06 19.71 -19.14
C TYR A 283 7.77 19.31 -17.85
N SER A 284 7.36 19.85 -16.72
CA SER A 284 7.93 19.42 -15.43
C SER A 284 7.23 18.13 -14.99
N CYS A 285 8.01 17.10 -14.72
CA CYS A 285 7.44 15.82 -14.31
C CYS A 285 8.43 14.92 -13.59
N TYR A 286 7.87 13.96 -12.87
CA TYR A 286 8.60 12.80 -12.39
C TYR A 286 7.99 11.57 -13.02
N TYR A 287 8.68 10.45 -12.86
CA TYR A 287 8.08 9.16 -13.15
C TYR A 287 8.25 8.19 -11.99
N SER A 288 7.36 7.22 -11.93
CA SER A 288 7.34 6.21 -10.88
C SER A 288 6.75 4.91 -11.45
N HIS A 289 7.47 3.81 -11.28
CA HIS A 289 6.99 2.51 -11.75
C HIS A 289 7.45 1.35 -10.86
N ALA A 290 6.94 0.15 -11.13
CA ALA A 290 7.11 -0.99 -10.20
C ALA A 290 8.51 -1.60 -10.17
N ARG A 291 9.37 -1.25 -11.12
CA ARG A 291 10.77 -1.74 -11.10
C ARG A 291 11.70 -0.82 -10.31
N MET A 292 11.18 0.32 -9.84
CA MET A 292 11.94 1.20 -8.96
C MET A 292 11.99 0.65 -7.54
N LYS A 293 13.03 1.00 -6.79
CA LYS A 293 13.10 0.63 -5.39
C LYS A 293 11.96 1.36 -4.66
N GLN A 294 11.40 0.72 -3.64
CA GLN A 294 10.26 1.27 -2.90
C GLN A 294 10.52 2.69 -2.43
N GLN A 295 11.73 2.90 -1.91
CA GLN A 295 12.14 4.17 -1.34
C GLN A 295 12.24 5.31 -2.38
N GLU A 296 12.62 4.97 -3.62
CA GLU A 296 12.62 5.94 -4.73
C GLU A 296 11.19 6.33 -5.10
N ARG A 297 10.26 5.37 -5.06
CA ARG A 297 8.85 5.65 -5.35
C ARG A 297 8.22 6.54 -4.29
N ASN A 298 8.62 6.36 -3.03
CA ASN A 298 8.09 7.16 -1.92
C ASN A 298 8.50 8.60 -2.10
N LYS A 299 9.76 8.78 -2.48
CA LYS A 299 10.33 10.09 -2.77
C LYS A 299 9.52 10.83 -3.84
N VAL A 300 9.17 10.14 -4.92
CA VAL A 300 8.40 10.77 -5.99
C VAL A 300 7.01 11.17 -5.50
N PHE A 301 6.36 10.26 -4.76
CA PHE A 301 5.03 10.52 -4.21
C PHE A 301 5.02 11.83 -3.42
N HIS A 302 5.99 11.98 -2.52
CA HIS A 302 6.08 13.13 -1.62
C HIS A 302 6.34 14.45 -2.34
N GLU A 303 7.32 14.45 -3.22
CA GLU A 303 7.68 15.63 -3.98
C GLU A 303 6.58 16.01 -4.99
N PHE A 304 5.87 15.02 -5.53
CA PHE A 304 4.77 15.28 -6.45
C PHE A 304 3.60 15.87 -5.69
N ARG A 305 3.25 15.25 -4.57
CA ARG A 305 2.20 15.76 -3.69
C ARG A 305 2.53 17.17 -3.14
N GLN A 306 3.82 17.46 -2.93
CA GLN A 306 4.26 18.79 -2.50
C GLN A 306 4.07 19.82 -3.61
N GLY A 307 3.93 19.33 -4.85
CA GLY A 307 3.67 20.18 -5.99
C GLY A 307 4.95 20.69 -6.62
N LYS A 308 6.03 19.94 -6.48
CA LYS A 308 7.32 20.30 -7.06
C LYS A 308 7.34 20.17 -8.58
N VAL A 309 6.52 19.27 -9.11
CA VAL A 309 6.27 19.21 -10.54
C VAL A 309 4.77 19.10 -10.84
N ARG A 310 4.43 19.35 -12.08
CA ARG A 310 3.05 19.38 -12.53
C ARG A 310 2.53 17.96 -12.86
N THR A 311 3.40 17.11 -13.40
CA THR A 311 2.98 15.81 -13.94
C THR A 311 3.72 14.57 -13.39
N LEU A 312 2.97 13.50 -13.12
CA LEU A 312 3.55 12.22 -12.75
C LEU A 312 3.20 11.21 -13.83
N VAL A 313 4.21 10.62 -14.46
CA VAL A 313 4.04 9.49 -15.38
C VAL A 313 4.31 8.21 -14.60
N CYS A 314 3.36 7.27 -14.62
CA CYS A 314 3.53 6.04 -13.88
C CYS A 314 2.86 4.82 -14.49
N SER A 315 3.16 3.66 -13.93
CA SER A 315 2.58 2.38 -14.33
C SER A 315 1.47 1.97 -13.38
N ASP A 316 1.49 2.56 -12.18
CA ASP A 316 0.50 2.32 -11.13
C ASP A 316 0.77 3.27 -9.98
N LEU A 317 -0.12 3.29 -9.01
CA LEU A 317 -0.03 4.18 -7.86
C LEU A 317 0.36 3.40 -6.62
N LEU A 318 1.11 4.04 -5.72
CA LEU A 318 1.34 3.51 -4.39
C LEU A 318 0.05 3.48 -3.56
N THR A 319 -0.81 4.45 -3.80
CA THR A 319 -2.10 4.54 -3.13
C THR A 319 -3.15 3.73 -3.86
N ARG A 320 -4.32 3.63 -3.24
CA ARG A 320 -5.45 2.97 -3.86
C ARG A 320 -6.33 4.02 -4.50
N GLY A 321 -6.18 4.20 -5.80
CA GLY A 321 -6.74 5.35 -6.49
C GLY A 321 -5.92 6.58 -6.16
N ILE A 322 -6.11 7.64 -6.93
CA ILE A 322 -5.37 8.87 -6.72
C ILE A 322 -5.98 9.57 -5.51
N ASP A 323 -5.15 9.95 -4.55
CA ASP A 323 -5.64 10.81 -3.47
C ASP A 323 -4.75 12.03 -3.26
N ILE A 324 -4.17 12.52 -4.36
CA ILE A 324 -3.55 13.84 -4.37
C ILE A 324 -4.61 14.82 -4.85
N GLN A 325 -4.99 15.74 -3.98
CA GLN A 325 -6.17 16.59 -4.20
C GLN A 325 -6.04 17.44 -5.45
N ALA A 326 -4.81 17.88 -5.75
CA ALA A 326 -4.57 18.80 -6.86
C ALA A 326 -4.61 18.17 -8.26
N VAL A 327 -4.64 16.85 -8.35
CA VAL A 327 -4.72 16.19 -9.66
C VAL A 327 -6.14 16.30 -10.20
N ASN A 328 -6.32 17.13 -11.23
CA ASN A 328 -7.63 17.30 -11.87
C ASN A 328 -7.70 16.73 -13.28
N VAL A 329 -6.59 16.18 -13.78
CA VAL A 329 -6.54 15.54 -15.09
C VAL A 329 -5.74 14.25 -15.03
N VAL A 330 -6.34 13.17 -15.53
CA VAL A 330 -5.71 11.85 -15.56
C VAL A 330 -5.79 11.32 -16.98
N ILE A 331 -4.64 10.88 -17.51
CA ILE A 331 -4.54 10.39 -18.87
C ILE A 331 -4.15 8.92 -18.84
N ASN A 332 -4.95 8.07 -19.49
CA ASN A 332 -4.51 6.72 -19.84
C ASN A 332 -3.84 6.81 -21.20
N PHE A 333 -2.51 6.96 -21.19
CA PHE A 333 -1.70 7.01 -22.40
C PHE A 333 -1.78 5.68 -23.12
N ASP A 334 -1.73 4.59 -22.35
CA ASP A 334 -2.11 3.28 -22.81
C ASP A 334 -3.39 2.86 -22.08
N PHE A 335 -4.39 2.43 -22.84
CA PHE A 335 -5.66 2.01 -22.27
C PHE A 335 -5.46 0.66 -21.60
N PRO A 336 -5.98 0.46 -20.39
CA PRO A 336 -5.85 -0.83 -19.73
C PRO A 336 -6.69 -1.93 -20.39
N LYS A 337 -6.36 -3.18 -20.06
CA LYS A 337 -7.03 -4.35 -20.60
C LYS A 337 -8.29 -4.73 -19.79
N THR A 338 -8.31 -4.46 -18.49
CA THR A 338 -9.43 -4.87 -17.64
C THR A 338 -10.13 -3.71 -16.93
N ALA A 339 -11.38 -3.95 -16.55
CA ALA A 339 -12.18 -2.98 -15.83
C ALA A 339 -11.57 -2.71 -14.46
N GLU A 340 -10.98 -3.75 -13.86
CA GLU A 340 -10.37 -3.65 -12.55
C GLU A 340 -9.24 -2.62 -12.58
N THR A 341 -8.37 -2.72 -13.57
CA THR A 341 -7.23 -1.79 -13.69
C THR A 341 -7.72 -0.37 -14.01
N TYR A 342 -8.68 -0.27 -14.92
CA TYR A 342 -9.26 1.04 -15.23
C TYR A 342 -9.76 1.73 -13.97
N LEU A 343 -10.55 1.01 -13.19
CA LEU A 343 -11.13 1.54 -11.95
C LEU A 343 -10.05 1.92 -10.94
N HIS A 344 -9.00 1.12 -10.83
CA HIS A 344 -7.89 1.42 -9.91
C HIS A 344 -7.12 2.67 -10.34
N ARG A 345 -7.08 2.94 -11.63
CA ARG A 345 -6.40 4.10 -12.18
C ARG A 345 -7.22 5.38 -12.03
N ILE A 346 -8.49 5.29 -12.38
CA ILE A 346 -9.39 6.44 -12.59
C ILE A 346 -10.36 6.67 -11.44
N GLY A 347 -10.62 5.63 -10.66
CA GLY A 347 -11.54 5.72 -9.53
C GLY A 347 -10.83 6.19 -8.27
N ARG A 348 -11.61 6.56 -7.27
CA ARG A 348 -11.06 7.03 -5.99
C ARG A 348 -11.89 6.58 -4.77
N SER A 349 -11.31 6.76 -3.59
CA SER A 349 -11.89 6.25 -2.34
C SER A 349 -12.69 7.29 -1.56
N GLY A 350 -12.21 8.53 -1.53
CA GLY A 350 -12.84 9.57 -0.76
C GLY A 350 -13.18 10.80 -1.59
N ARG A 351 -13.29 11.93 -0.89
CA ARG A 351 -13.59 13.23 -1.50
C ARG A 351 -14.63 13.09 -2.61
N PHE A 352 -15.83 12.65 -2.23
CA PHE A 352 -16.84 12.28 -3.21
C PHE A 352 -17.35 13.46 -4.07
N GLY A 353 -17.20 14.68 -3.56
CA GLY A 353 -17.56 15.88 -4.31
C GLY A 353 -16.58 16.30 -5.41
N HIS A 354 -15.38 15.71 -5.40
CA HIS A 354 -14.31 16.02 -6.35
C HIS A 354 -14.77 15.92 -7.81
N LEU A 355 -14.25 16.82 -8.65
CA LEU A 355 -14.52 16.81 -10.07
C LEU A 355 -13.21 16.75 -10.81
N GLY A 356 -13.12 15.82 -11.76
CA GLY A 356 -11.94 15.66 -12.56
C GLY A 356 -12.23 15.19 -13.96
N LEU A 357 -11.18 15.17 -14.76
CA LEU A 357 -11.24 14.78 -16.13
C LEU A 357 -10.34 13.55 -16.27
N ALA A 358 -10.81 12.57 -17.05
CA ALA A 358 -10.01 11.41 -17.41
C ALA A 358 -10.08 11.28 -18.93
N ILE A 359 -8.93 11.23 -19.59
CA ILE A 359 -8.86 11.06 -21.03
C ILE A 359 -8.13 9.76 -21.38
N ASN A 360 -8.75 8.96 -22.25
CA ASN A 360 -8.23 7.66 -22.65
C ASN A 360 -7.75 7.70 -24.10
N LEU A 361 -6.49 7.37 -24.30
CA LEU A 361 -5.94 7.29 -25.64
C LEU A 361 -6.19 5.86 -26.14
N ILE A 362 -7.01 5.75 -27.18
CA ILE A 362 -7.56 4.50 -27.68
C ILE A 362 -7.05 4.23 -29.09
N ASN A 363 -6.27 3.17 -29.26
CA ASN A 363 -5.93 2.71 -30.61
C ASN A 363 -6.94 1.66 -31.10
N TRP A 364 -6.76 1.22 -32.35
CA TRP A 364 -7.66 0.24 -32.98
C TRP A 364 -7.81 -1.02 -32.14
N ASN A 365 -6.69 -1.52 -31.62
CA ASN A 365 -6.67 -2.74 -30.81
C ASN A 365 -7.39 -2.64 -29.46
N ASP A 366 -7.61 -1.43 -28.95
CA ASP A 366 -8.32 -1.21 -27.69
C ASP A 366 -9.84 -1.18 -27.86
N ARG A 367 -10.35 -1.23 -29.10
CA ARG A 367 -11.77 -0.99 -29.35
C ARG A 367 -12.69 -1.92 -28.58
N PHE A 368 -12.33 -3.20 -28.47
CA PHE A 368 -13.17 -4.16 -27.74
C PHE A 368 -13.13 -3.88 -26.24
N ASN A 369 -11.94 -3.64 -25.71
CA ASN A 369 -11.79 -3.39 -24.28
C ASN A 369 -12.49 -2.10 -23.89
N LEU A 370 -12.53 -1.13 -24.79
CA LEU A 370 -13.23 0.12 -24.54
C LEU A 370 -14.70 -0.16 -24.23
N TYR A 371 -15.39 -0.86 -25.12
CA TYR A 371 -16.80 -1.20 -24.91
C TYR A 371 -16.99 -2.09 -23.67
N LYS A 372 -16.09 -3.05 -23.48
CA LYS A 372 -16.15 -4.02 -22.38
C LYS A 372 -16.03 -3.33 -21.01
N ILE A 373 -15.10 -2.38 -20.90
CA ILE A 373 -14.88 -1.70 -19.63
C ILE A 373 -16.02 -0.73 -19.32
N GLU A 374 -16.55 -0.08 -20.34
CA GLU A 374 -17.73 0.77 -20.20
C GLU A 374 -18.91 -0.02 -19.65
N GLN A 375 -19.13 -1.20 -20.21
CA GLN A 375 -20.23 -2.08 -19.87
C GLN A 375 -20.08 -2.56 -18.42
N GLU A 376 -18.94 -3.21 -18.14
CA GLU A 376 -18.68 -3.82 -16.84
C GLU A 376 -18.73 -2.83 -15.68
N LEU A 377 -18.29 -1.60 -15.90
CA LEU A 377 -18.26 -0.59 -14.84
C LEU A 377 -19.54 0.24 -14.83
N GLY A 378 -20.38 0.08 -15.85
CA GLY A 378 -21.61 0.83 -15.99
C GLY A 378 -21.36 2.32 -16.08
N THR A 379 -20.39 2.70 -16.91
CA THR A 379 -19.97 4.09 -17.04
C THR A 379 -19.90 4.52 -18.51
N GLU A 380 -19.79 5.83 -18.71
CA GLU A 380 -19.74 6.39 -20.05
C GLU A 380 -18.34 6.91 -20.34
N ILE A 381 -17.81 6.55 -21.50
CA ILE A 381 -16.57 7.14 -22.01
C ILE A 381 -16.88 7.65 -23.42
N ALA A 382 -17.18 8.93 -23.51
CA ALA A 382 -17.61 9.55 -24.77
C ALA A 382 -16.41 10.04 -25.58
N ALA A 383 -16.65 10.21 -26.87
CA ALA A 383 -15.65 10.77 -27.77
C ALA A 383 -15.31 12.18 -27.32
N ILE A 384 -14.02 12.49 -27.25
CA ILE A 384 -13.55 13.78 -26.74
C ILE A 384 -14.07 14.93 -27.64
N PRO A 385 -14.64 15.99 -27.04
CA PRO A 385 -15.07 17.14 -27.83
C PRO A 385 -13.90 18.06 -28.17
N ALA A 386 -14.10 18.95 -29.13
CA ALA A 386 -13.05 19.87 -29.60
C ALA A 386 -12.60 20.79 -28.47
N THR A 387 -13.55 21.18 -27.63
CA THR A 387 -13.24 21.96 -26.43
C THR A 387 -13.94 21.36 -25.20
N ILE A 388 -13.21 21.28 -24.10
CA ILE A 388 -13.71 20.67 -22.87
C ILE A 388 -14.08 21.75 -21.86
N ASP A 389 -15.30 21.67 -21.34
CA ASP A 389 -15.84 22.65 -20.41
C ASP A 389 -15.09 22.64 -19.08
N LYS A 390 -14.58 23.81 -18.68
CA LYS A 390 -13.75 23.96 -17.48
C LYS A 390 -14.49 23.63 -16.19
N SER A 391 -15.81 23.75 -16.19
CA SER A 391 -16.63 23.42 -15.01
C SER A 391 -16.53 21.93 -14.64
N LEU A 392 -16.18 21.10 -15.61
CA LEU A 392 -16.01 19.66 -15.39
C LEU A 392 -14.73 19.25 -14.65
N TYR A 393 -13.74 20.14 -14.58
CA TYR A 393 -12.47 19.76 -13.96
C TYR A 393 -11.63 20.86 -13.28
N VAL A 394 -12.06 22.11 -13.36
CA VAL A 394 -11.39 23.23 -12.69
C VAL A 394 -12.30 23.72 -11.58
N ALA A 395 -11.79 23.75 -10.36
CA ALA A 395 -12.55 24.32 -9.25
C ALA A 395 -11.80 25.53 -8.72
N GLU A 396 -12.31 26.12 -7.64
CA GLU A 396 -11.57 27.13 -6.87
C GLU A 396 -10.75 26.46 -5.76
N ASN A 397 -10.16 25.31 -6.09
CA ASN A 397 -9.31 24.53 -5.18
C ASN A 397 -7.85 24.69 -5.60
#